data_6GUM
#
_entry.id   6GUM
#
_cell.length_a   36.158
_cell.length_b   58.817
_cell.length_c   70.230
_cell.angle_alpha   90.00
_cell.angle_beta   92.05
_cell.angle_gamma   90.00
#
_symmetry.space_group_name_H-M   'P 1 21 1'
#
loop_
_entity.id
_entity.type
_entity.pdbx_description
1 polymer 'SUMO-conjugating enzyme SCE1'
2 polymer SAE2
3 non-polymer GLYCEROL
4 water water
#
loop_
_entity_poly.entity_id
_entity_poly.type
_entity_poly.pdbx_seq_one_letter_code
_entity_poly.pdbx_strand_id
1 'polypeptide(L)'
;MGSSHHHHHHSSGLVPRGSHMASGIARGRLAEERKSWRKNHPHGFVAKPETGQDGTVNLMVWHCTIPGKAGTDWEGGFFP
LTMHFSEDYPSKPPKCKFPQGFFHPNVYPSGTVCLSILNEDYGWRPAITVKQILVGIQDLLDTPNPADPAQTDGYHLFCQ
DPVEYKKRVKLQSKQYPALV
;
A
2 'polypeptide(L)'
;MGSSHHHHHHSSGLVPRGSHETPLVLEINTRKSKLRDLVDRIVKTKLGMNLPLIMHGNSLLYEVGDDLDDIMVANYNANL
EKYLSELPSPILNGSILTVEDLQQELSCKINVKHREEFDEEKEPEGMVLSGWTPSPATNGDSASTSNNENPVDVTESSSG
SEPASKKRRLSETEASNHKKETENVESEDDDIMEVENPMMVSKKKIRVE
;
B
#
loop_
_chem_comp.id
_chem_comp.type
_chem_comp.name
_chem_comp.formula
GOL non-polymer GLYCEROL 'C3 H8 O3'
#
# COMPACT_ATOMS: atom_id res chain seq x y z
N GLY A 24 -6.39 12.89 8.16
CA GLY A 24 -5.21 12.18 8.63
C GLY A 24 -5.51 10.80 9.22
N ILE A 25 -6.79 10.53 9.50
CA ILE A 25 -7.14 9.26 10.12
C ILE A 25 -6.89 8.10 9.15
N ALA A 26 -7.31 8.25 7.90
CA ALA A 26 -7.07 7.23 6.90
C ALA A 26 -5.58 6.99 6.64
N ARG A 27 -4.81 8.03 6.46
CA ARG A 27 -3.39 7.86 6.23
C ARG A 27 -2.72 7.15 7.37
N GLY A 28 -3.10 7.49 8.59
CA GLY A 28 -2.40 6.96 9.75
C GLY A 28 -2.69 5.46 9.82
N ARG A 29 -3.94 5.11 9.52
CA ARG A 29 -4.32 3.68 9.59
C ARG A 29 -3.65 2.90 8.44
N LEU A 30 -3.55 3.50 7.25
CA LEU A 30 -2.92 2.78 6.16
C LEU A 30 -1.40 2.60 6.39
N ALA A 31 -0.79 3.56 7.08
CA ALA A 31 0.64 3.48 7.41
C ALA A 31 0.85 2.33 8.39
N GLU A 32 -0.07 2.18 9.31
CA GLU A 32 -0.05 1.07 10.25
C GLU A 32 -0.24 -0.29 9.55
N GLU A 33 -1.22 -0.35 8.66
CA GLU A 33 -1.46 -1.55 7.85
C GLU A 33 -0.23 -1.87 6.98
N ARG A 34 0.40 -0.85 6.41
CA ARG A 34 1.61 -1.07 5.60
C ARG A 34 2.73 -1.73 6.44
N LYS A 35 3.03 -1.19 7.62
CA LYS A 35 4.08 -1.76 8.46
C LYS A 35 3.73 -3.16 8.89
N SER A 36 2.48 -3.35 9.28
CA SER A 36 2.02 -4.62 9.80
C SER A 36 2.15 -5.69 8.74
N TRP A 37 1.71 -5.34 7.52
CA TRP A 37 1.78 -6.27 6.40
C TRP A 37 3.26 -6.67 6.07
N ARG A 38 4.13 -5.69 6.00
CA ARG A 38 5.52 -5.97 5.69
C ARG A 38 6.18 -6.88 6.74
N LYS A 39 5.80 -6.75 8.01
CA LYS A 39 6.43 -7.58 9.05
C LYS A 39 5.87 -9.01 9.11
N ASN A 40 4.61 -9.18 8.74
CA ASN A 40 3.97 -10.52 8.78
C ASN A 40 2.81 -10.57 7.84
N HIS A 41 2.88 -11.45 6.84
CA HIS A 41 1.71 -11.65 6.00
C HIS A 41 1.71 -13.11 5.51
N PRO A 42 0.55 -13.61 5.12
CA PRO A 42 0.59 -14.99 4.65
C PRO A 42 1.36 -15.23 3.37
N HIS A 43 1.89 -16.44 3.30
CA HIS A 43 2.75 -16.82 2.22
C HIS A 43 2.06 -16.80 0.86
N GLY A 44 2.74 -16.23 -0.13
CA GLY A 44 2.19 -16.24 -1.50
C GLY A 44 1.31 -14.99 -1.80
N PHE A 45 0.92 -14.29 -0.76
CA PHE A 45 0.17 -13.02 -0.98
C PHE A 45 1.08 -11.83 -1.19
N VAL A 46 0.59 -10.82 -1.91
CA VAL A 46 1.34 -9.57 -2.10
C VAL A 46 0.36 -8.47 -1.81
N ALA A 47 0.81 -7.39 -1.16
CA ALA A 47 -0.05 -6.22 -0.98
C ALA A 47 0.88 -5.03 -0.89
N LYS A 48 0.75 -4.11 -1.83
CA LYS A 48 1.67 -2.94 -1.80
C LYS A 48 1.02 -1.72 -2.43
N PRO A 49 1.31 -0.53 -1.89
CA PRO A 49 0.82 0.75 -2.47
C PRO A 49 1.31 0.89 -3.93
N GLU A 50 0.47 1.51 -4.75
CA GLU A 50 0.71 1.68 -6.17
C GLU A 50 1.78 2.75 -6.42
N THR A 51 2.71 2.41 -7.27
CA THR A 51 3.73 3.39 -7.70
C THR A 51 3.26 3.99 -9.02
N GLY A 52 3.20 5.32 -9.12
CA GLY A 52 2.79 5.99 -10.35
C GLY A 52 3.98 6.21 -11.31
N GLN A 53 3.67 6.53 -12.56
CA GLN A 53 4.75 6.84 -13.52
C GLN A 53 5.49 8.13 -13.17
N ASP A 54 4.89 8.90 -12.26
CA ASP A 54 5.60 10.10 -11.73
C ASP A 54 6.42 9.84 -10.47
N GLY A 55 6.45 8.58 -10.01
CA GLY A 55 7.23 8.21 -8.86
C GLY A 55 6.49 8.29 -7.54
N THR A 56 5.22 8.74 -7.56
CA THR A 56 4.50 8.86 -6.30
C THR A 56 4.20 7.42 -5.87
N VAL A 57 4.13 7.17 -4.57
CA VAL A 57 3.73 5.83 -4.07
C VAL A 57 2.46 6.13 -3.26
N ASN A 58 1.33 5.57 -3.68
CA ASN A 58 0.06 6.05 -3.18
C ASN A 58 -0.54 5.12 -2.12
N LEU A 59 -0.58 5.59 -0.88
CA LEU A 59 -1.08 4.70 0.14
C LEU A 59 -2.57 4.35 -0.06
N MET A 60 -3.27 5.14 -0.87
CA MET A 60 -4.76 4.98 -1.01
C MET A 60 -5.15 3.88 -2.02
N VAL A 61 -4.19 3.40 -2.79
CA VAL A 61 -4.47 2.41 -3.83
C VAL A 61 -3.43 1.31 -3.70
N TRP A 62 -3.84 0.12 -3.29
CA TRP A 62 -2.86 -0.98 -3.17
C TRP A 62 -3.07 -2.05 -4.22
N HIS A 63 -1.94 -2.50 -4.80
CA HIS A 63 -1.97 -3.60 -5.73
C HIS A 63 -1.68 -4.88 -4.94
N CYS A 64 -2.56 -5.85 -5.08
CA CYS A 64 -2.44 -7.13 -4.31
C CYS A 64 -2.43 -8.34 -5.21
N THR A 65 -2.01 -9.48 -4.64
CA THR A 65 -2.00 -10.78 -5.33
C THR A 65 -2.51 -11.81 -4.35
N ILE A 66 -3.49 -12.59 -4.80
CA ILE A 66 -4.08 -13.57 -3.96
C ILE A 66 -3.75 -14.92 -4.62
N PRO A 67 -3.04 -15.78 -3.88
CA PRO A 67 -2.83 -17.13 -4.48
C PRO A 67 -4.04 -18.01 -4.40
N GLY A 68 -4.26 -18.85 -5.41
CA GLY A 68 -5.33 -19.84 -5.27
C GLY A 68 -4.83 -20.93 -4.32
N LYS A 69 -5.75 -21.61 -3.64
CA LYS A 69 -5.36 -22.57 -2.63
C LYS A 69 -4.92 -23.88 -3.33
N ALA A 70 -3.86 -24.48 -2.80
CA ALA A 70 -3.41 -25.79 -3.25
C ALA A 70 -4.51 -26.78 -3.00
N GLY A 71 -4.65 -27.73 -3.92
CA GLY A 71 -5.64 -28.75 -3.74
C GLY A 71 -6.97 -28.30 -4.24
N THR A 72 -7.04 -27.12 -4.88
CA THR A 72 -8.28 -26.67 -5.52
C THR A 72 -8.04 -26.34 -6.99
N ASP A 73 -9.13 -26.15 -7.73
CA ASP A 73 -9.10 -25.81 -9.13
C ASP A 73 -8.38 -24.44 -9.34
N TRP A 74 -8.20 -23.70 -8.25
CA TRP A 74 -7.55 -22.37 -8.34
C TRP A 74 -6.05 -22.52 -8.17
N GLU A 75 -5.58 -23.73 -7.88
CA GLU A 75 -4.18 -23.95 -7.52
C GLU A 75 -3.24 -23.47 -8.62
N GLY A 76 -2.13 -22.87 -8.24
CA GLY A 76 -1.16 -22.37 -9.18
C GLY A 76 -1.50 -21.01 -9.80
N GLY A 77 -2.71 -20.48 -9.53
CA GLY A 77 -3.09 -19.16 -10.00
C GLY A 77 -2.69 -18.11 -8.96
N PHE A 78 -2.23 -16.95 -9.43
CA PHE A 78 -1.82 -15.83 -8.58
C PHE A 78 -2.59 -14.58 -9.06
N PHE A 79 -3.67 -14.28 -8.35
CA PHE A 79 -4.69 -13.41 -8.96
C PHE A 79 -4.60 -11.97 -8.54
N PRO A 80 -4.47 -11.04 -9.52
CA PRO A 80 -4.24 -9.65 -9.17
C PRO A 80 -5.52 -8.99 -8.69
N LEU A 81 -5.41 -8.17 -7.67
CA LEU A 81 -6.58 -7.46 -7.12
C LEU A 81 -6.11 -6.04 -6.69
N THR A 82 -6.91 -5.01 -6.94
CA THR A 82 -6.57 -3.66 -6.51
C THR A 82 -7.53 -3.28 -5.41
N MET A 83 -6.97 -2.68 -4.34
CA MET A 83 -7.78 -2.23 -3.22
C MET A 83 -7.79 -0.73 -3.21
N HIS A 84 -8.97 -0.13 -3.25
CA HIS A 84 -9.12 1.34 -3.32
C HIS A 84 -9.68 1.83 -2.03
N PHE A 85 -8.85 2.57 -1.31
CA PHE A 85 -9.27 3.12 0.01
C PHE A 85 -9.79 4.54 -0.21
N SER A 86 -10.56 5.06 0.71
CA SER A 86 -11.01 6.45 0.63
C SER A 86 -10.52 7.22 1.85
N GLU A 87 -10.70 8.55 1.82
CA GLU A 87 -10.37 9.34 3.00
C GLU A 87 -11.27 8.99 4.19
N ASP A 88 -12.40 8.33 3.94
CA ASP A 88 -13.23 7.85 5.05
C ASP A 88 -12.82 6.44 5.60
N TYR A 89 -11.78 5.83 5.04
CA TYR A 89 -11.27 4.55 5.61
C TYR A 89 -10.70 4.94 7.00
N PRO A 90 -10.93 4.15 8.06
CA PRO A 90 -11.49 2.78 8.05
C PRO A 90 -12.93 2.78 8.53
N SER A 91 -13.58 3.93 8.57
CA SER A 91 -15.02 3.98 8.84
C SER A 91 -15.76 3.30 7.66
N LYS A 92 -15.24 3.50 6.45
CA LYS A 92 -15.75 2.89 5.25
C LYS A 92 -14.74 1.88 4.68
N PRO A 93 -15.24 0.78 4.10
CA PRO A 93 -14.37 -0.30 3.58
C PRO A 93 -13.74 0.09 2.23
N PRO A 94 -12.59 -0.52 1.86
CA PRO A 94 -12.08 -0.26 0.52
C PRO A 94 -12.96 -0.95 -0.53
N LYS A 95 -12.85 -0.50 -1.77
CA LYS A 95 -13.42 -1.22 -2.90
C LYS A 95 -12.30 -2.16 -3.47
N CYS A 96 -12.62 -3.44 -3.63
CA CYS A 96 -11.67 -4.46 -4.10
C CYS A 96 -12.07 -4.94 -5.48
N LYS A 97 -11.12 -4.90 -6.40
CA LYS A 97 -11.44 -5.25 -7.79
C LYS A 97 -10.46 -6.22 -8.42
N PHE A 98 -10.96 -7.35 -8.93
CA PHE A 98 -10.18 -8.21 -9.78
C PHE A 98 -10.14 -7.58 -11.15
N PRO A 99 -9.41 -8.17 -12.11
CA PRO A 99 -9.52 -7.54 -13.44
C PRO A 99 -10.92 -7.56 -14.04
N GLN A 100 -11.25 -6.62 -14.93
CA GLN A 100 -12.54 -6.71 -15.66
C GLN A 100 -12.64 -8.03 -16.39
N GLY A 101 -13.75 -8.72 -16.25
CA GLY A 101 -14.05 -10.00 -16.94
C GLY A 101 -13.58 -11.23 -16.16
N PHE A 102 -13.01 -11.03 -14.98
CA PHE A 102 -12.58 -12.14 -14.13
C PHE A 102 -13.79 -13.02 -13.89
N PHE A 103 -13.57 -14.34 -13.85
CA PHE A 103 -14.67 -15.34 -13.82
C PHE A 103 -14.84 -15.83 -12.41
N HIS A 104 -15.96 -15.45 -11.77
CA HIS A 104 -16.31 -15.97 -10.43
C HIS A 104 -17.74 -15.57 -10.15
N PRO A 105 -18.55 -16.46 -9.55
CA PRO A 105 -19.96 -16.08 -9.34
C PRO A 105 -20.20 -14.80 -8.53
N ASN A 106 -19.24 -14.38 -7.69
CA ASN A 106 -19.47 -13.23 -6.81
C ASN A 106 -18.65 -12.02 -7.23
N VAL A 107 -18.21 -11.99 -8.48
CA VAL A 107 -17.41 -10.86 -8.98
C VAL A 107 -18.19 -10.24 -10.14
N TYR A 108 -18.41 -8.91 -10.11
CA TYR A 108 -19.11 -8.20 -11.19
C TYR A 108 -18.24 -8.23 -12.42
N PRO A 109 -18.84 -7.97 -13.60
CA PRO A 109 -18.07 -7.73 -14.83
C PRO A 109 -17.02 -6.63 -14.68
N SER A 110 -17.33 -5.63 -13.85
CA SER A 110 -16.36 -4.56 -13.61
C SER A 110 -15.11 -5.05 -12.88
N GLY A 111 -15.17 -6.28 -12.31
CA GLY A 111 -14.10 -6.74 -11.43
C GLY A 111 -14.37 -6.59 -9.93
N THR A 112 -15.42 -5.86 -9.58
CA THR A 112 -15.75 -5.64 -8.14
C THR A 112 -16.07 -6.98 -7.46
N VAL A 113 -15.49 -7.24 -6.30
CA VAL A 113 -15.79 -8.42 -5.51
C VAL A 113 -16.85 -8.17 -4.44
N CYS A 114 -17.86 -9.04 -4.38
CA CYS A 114 -18.88 -8.93 -3.35
C CYS A 114 -18.54 -9.84 -2.17
N LEU A 115 -18.36 -9.24 -1.00
CA LEU A 115 -17.96 -9.98 0.16
C LEU A 115 -18.66 -9.37 1.32
N SER A 116 -19.20 -10.16 2.22
CA SER A 116 -20.03 -9.61 3.28
C SER A 116 -19.26 -8.59 4.10
N ILE A 117 -18.02 -8.89 4.43
CA ILE A 117 -17.29 -7.96 5.27
C ILE A 117 -16.91 -6.65 4.56
N LEU A 118 -17.08 -6.58 3.24
CA LEU A 118 -16.82 -5.34 2.48
C LEU A 118 -18.09 -4.52 2.34
N ASN A 119 -19.17 -5.03 2.91
CA ASN A 119 -20.45 -4.32 2.74
C ASN A 119 -20.57 -3.29 3.86
N GLU A 120 -20.54 -2.03 3.48
CA GLU A 120 -20.54 -0.92 4.44
C GLU A 120 -21.80 -0.94 5.33
N ASP A 121 -22.90 -1.44 4.77
CA ASP A 121 -24.18 -1.34 5.47
C ASP A 121 -24.25 -2.37 6.56
N TYR A 122 -23.55 -3.52 6.41
CA TYR A 122 -23.81 -4.53 7.44
C TYR A 122 -22.51 -5.18 7.92
N GLY A 123 -21.73 -5.82 7.08
CA GLY A 123 -20.59 -6.56 7.56
C GLY A 123 -19.29 -5.90 7.93
N TRP A 124 -19.04 -4.71 7.43
CA TRP A 124 -17.82 -4.02 7.70
C TRP A 124 -17.68 -3.56 9.11
N ARG A 125 -16.49 -3.65 9.67
CA ARG A 125 -16.15 -3.04 10.97
C ARG A 125 -14.75 -2.47 10.80
N PRO A 126 -14.52 -1.27 11.36
CA PRO A 126 -13.24 -0.57 11.21
C PRO A 126 -12.03 -1.43 11.58
N ALA A 127 -12.20 -2.32 12.52
CA ALA A 127 -11.05 -3.13 12.99
C ALA A 127 -10.56 -4.22 12.02
N ILE A 128 -11.35 -4.54 10.99
CA ILE A 128 -10.90 -5.52 10.01
C ILE A 128 -9.61 -5.07 9.27
N THR A 129 -8.67 -5.97 9.16
CA THR A 129 -7.31 -5.68 8.61
C THR A 129 -7.24 -5.98 7.11
N VAL A 130 -6.21 -5.45 6.44
CA VAL A 130 -6.06 -5.82 5.02
C VAL A 130 -5.83 -7.32 4.87
N LYS A 131 -5.12 -7.91 5.83
CA LYS A 131 -4.86 -9.36 5.81
C LYS A 131 -6.20 -10.09 5.85
N GLN A 132 -7.10 -9.65 6.74
CA GLN A 132 -8.38 -10.38 6.85
C GLN A 132 -9.21 -10.26 5.59
N ILE A 133 -9.16 -9.10 4.95
CA ILE A 133 -9.87 -8.93 3.69
C ILE A 133 -9.32 -9.89 2.61
N LEU A 134 -7.99 -9.97 2.49
CA LEU A 134 -7.41 -10.73 1.38
C LEU A 134 -7.60 -12.21 1.64
N VAL A 135 -7.47 -12.63 2.89
CA VAL A 135 -7.76 -14.04 3.21
C VAL A 135 -9.25 -14.38 2.98
N GLY A 136 -10.12 -13.44 3.33
CA GLY A 136 -11.55 -13.60 3.07
C GLY A 136 -11.84 -13.74 1.58
N ILE A 137 -11.15 -12.96 0.76
CA ILE A 137 -11.34 -13.13 -0.69
C ILE A 137 -10.79 -14.48 -1.20
N GLN A 138 -9.63 -14.88 -0.67
CA GLN A 138 -9.01 -16.17 -1.08
C GLN A 138 -9.98 -17.30 -0.75
N ASP A 139 -10.60 -17.23 0.42
CA ASP A 139 -11.61 -18.23 0.83
C ASP A 139 -12.82 -18.24 -0.12
N LEU A 140 -13.23 -17.05 -0.58
CA LEU A 140 -14.37 -16.91 -1.47
C LEU A 140 -14.09 -17.57 -2.81
N LEU A 141 -12.81 -17.61 -3.24
CA LEU A 141 -12.54 -18.16 -4.60
C LEU A 141 -13.16 -19.58 -4.80
N ASP A 142 -12.79 -20.49 -3.90
CA ASP A 142 -13.23 -21.89 -4.06
C ASP A 142 -14.53 -22.15 -3.32
N THR A 143 -15.00 -21.17 -2.55
CA THR A 143 -16.27 -21.32 -1.80
C THR A 143 -17.19 -20.12 -2.02
N PRO A 144 -17.77 -20.04 -3.23
CA PRO A 144 -18.64 -18.91 -3.61
C PRO A 144 -19.87 -18.83 -2.75
N ASN A 145 -20.45 -17.65 -2.64
CA ASN A 145 -21.65 -17.42 -1.87
C ASN A 145 -22.87 -17.42 -2.76
N PRO A 146 -23.70 -18.49 -2.66
CA PRO A 146 -24.85 -18.63 -3.56
C PRO A 146 -25.88 -17.52 -3.43
N ALA A 147 -25.87 -16.74 -2.34
CA ALA A 147 -26.83 -15.63 -2.20
C ALA A 147 -26.35 -14.30 -2.80
N ASP A 148 -25.14 -14.28 -3.36
CA ASP A 148 -24.56 -13.02 -3.84
C ASP A 148 -24.19 -13.02 -5.29
N PRO A 149 -25.12 -13.40 -6.17
CA PRO A 149 -24.75 -13.63 -7.57
C PRO A 149 -24.40 -12.31 -8.23
N ALA A 150 -23.23 -12.19 -8.81
CA ALA A 150 -22.82 -10.89 -9.39
C ALA A 150 -22.75 -10.94 -10.89
N GLN A 151 -22.44 -12.11 -11.42
CA GLN A 151 -22.34 -12.26 -12.85
C GLN A 151 -23.11 -13.53 -13.23
N THR A 152 -23.88 -13.44 -14.30
N THR A 152 -23.85 -13.42 -14.32
CA THR A 152 -24.71 -14.55 -14.75
CA THR A 152 -24.72 -14.49 -14.75
C THR A 152 -23.85 -15.69 -15.26
C THR A 152 -23.91 -15.65 -15.34
N ASP A 153 -22.74 -15.35 -15.91
CA ASP A 153 -21.84 -16.37 -16.44
C ASP A 153 -21.32 -17.33 -15.35
N GLY A 154 -20.50 -16.82 -14.44
CA GLY A 154 -20.02 -17.64 -13.34
C GLY A 154 -21.16 -18.28 -12.55
N TYR A 155 -22.19 -17.50 -12.23
CA TYR A 155 -23.20 -17.97 -11.30
C TYR A 155 -23.99 -19.13 -11.90
N HIS A 156 -24.28 -19.03 -13.19
CA HIS A 156 -25.01 -20.08 -13.85
C HIS A 156 -24.22 -21.33 -13.87
N LEU A 157 -23.05 -21.28 -14.49
CA LEU A 157 -22.23 -22.47 -14.61
C LEU A 157 -22.08 -23.13 -13.24
N PHE A 158 -21.80 -22.31 -12.22
CA PHE A 158 -21.64 -22.81 -10.86
C PHE A 158 -22.87 -23.61 -10.44
N CYS A 159 -24.04 -23.03 -10.66
CA CYS A 159 -25.29 -23.58 -10.14
C CYS A 159 -25.84 -24.72 -10.96
N GLN A 160 -25.75 -24.63 -12.29
CA GLN A 160 -26.39 -25.60 -13.18
C GLN A 160 -25.39 -26.43 -14.00
N ASP A 161 -24.10 -26.09 -14.01
CA ASP A 161 -23.17 -26.90 -14.81
C ASP A 161 -21.73 -26.97 -14.30
N PRO A 162 -21.54 -27.63 -13.14
CA PRO A 162 -20.27 -27.64 -12.41
C PRO A 162 -19.08 -28.14 -13.22
N VAL A 163 -19.31 -29.01 -14.17
CA VAL A 163 -18.19 -29.52 -14.96
C VAL A 163 -17.67 -28.41 -15.87
N GLU A 164 -18.56 -27.68 -16.52
CA GLU A 164 -18.12 -26.58 -17.35
C GLU A 164 -17.49 -25.47 -16.47
N TYR A 165 -18.07 -25.25 -15.31
CA TYR A 165 -17.51 -24.28 -14.35
C TYR A 165 -16.05 -24.62 -13.99
N LYS A 166 -15.84 -25.87 -13.63
CA LYS A 166 -14.51 -26.33 -13.24
C LYS A 166 -13.50 -26.11 -14.34
N LYS A 167 -13.91 -26.40 -15.58
CA LYS A 167 -12.98 -26.20 -16.71
C LYS A 167 -12.62 -24.70 -16.85
N ARG A 168 -13.63 -23.85 -16.64
CA ARG A 168 -13.42 -22.40 -16.80
C ARG A 168 -12.46 -21.89 -15.74
N VAL A 169 -12.66 -22.34 -14.51
CA VAL A 169 -11.74 -21.98 -13.42
C VAL A 169 -10.29 -22.41 -13.69
N LYS A 170 -10.12 -23.64 -14.17
CA LYS A 170 -8.76 -24.14 -14.33
C LYS A 170 -8.08 -23.42 -15.45
N LEU A 171 -8.83 -23.14 -16.53
CA LEU A 171 -8.28 -22.32 -17.64
C LEU A 171 -7.84 -20.92 -17.20
N GLN A 172 -8.69 -20.27 -16.42
CA GLN A 172 -8.35 -18.96 -15.84
C GLN A 172 -7.10 -18.98 -14.91
N SER A 173 -6.98 -20.03 -14.08
CA SER A 173 -5.78 -20.16 -13.25
C SER A 173 -4.51 -20.13 -14.08
N LYS A 174 -4.54 -20.77 -15.25
CA LYS A 174 -3.41 -20.83 -16.17
C LYS A 174 -3.10 -19.47 -16.76
N GLN A 175 -4.08 -18.58 -16.80
CA GLN A 175 -3.84 -17.20 -17.26
C GLN A 175 -3.07 -16.35 -16.25
N TYR A 176 -2.96 -16.80 -15.00
CA TYR A 176 -2.34 -16.00 -13.93
C TYR A 176 -1.20 -16.74 -13.21
N PRO A 177 -0.16 -17.18 -13.94
CA PRO A 177 0.98 -17.84 -13.28
C PRO A 177 1.80 -16.89 -12.41
N ALA A 178 2.60 -17.41 -11.47
CA ALA A 178 3.35 -16.54 -10.54
C ALA A 178 4.26 -15.53 -11.23
N PRO B 23 6.14 17.57 17.47
CA PRO B 23 6.32 18.10 16.12
C PRO B 23 7.64 18.88 15.97
N LEU B 24 8.64 18.22 15.38
CA LEU B 24 9.98 18.80 15.20
C LEU B 24 10.00 19.86 14.11
N VAL B 25 11.02 20.70 14.12
CA VAL B 25 11.17 21.67 13.03
C VAL B 25 12.51 21.47 12.33
N LEU B 26 12.46 21.30 11.01
CA LEU B 26 13.68 21.13 10.23
C LEU B 26 13.86 22.35 9.32
N GLU B 27 14.93 23.11 9.59
CA GLU B 27 15.32 24.20 8.71
C GLU B 27 16.33 23.71 7.68
N ILE B 28 16.01 23.91 6.40
CA ILE B 28 16.77 23.26 5.36
C ILE B 28 16.53 23.96 4.05
N ASN B 29 17.54 24.02 3.20
CA ASN B 29 17.35 24.60 1.87
C ASN B 29 16.68 23.53 1.02
N THR B 30 15.36 23.63 0.82
CA THR B 30 14.61 22.57 0.11
C THR B 30 14.99 22.46 -1.38
N ARG B 31 15.58 23.50 -1.96
CA ARG B 31 15.99 23.44 -3.35
C ARG B 31 17.39 22.85 -3.51
N LYS B 32 18.19 22.87 -2.46
CA LYS B 32 19.58 22.44 -2.64
C LYS B 32 19.91 21.12 -1.92
N SER B 33 19.11 20.73 -0.92
CA SER B 33 19.36 19.48 -0.22
C SER B 33 18.56 18.34 -0.89
N LYS B 34 19.13 17.15 -0.88
CA LYS B 34 18.46 15.99 -1.48
C LYS B 34 17.79 15.12 -0.40
N LEU B 35 16.85 14.29 -0.83
CA LEU B 35 16.17 13.41 0.15
C LEU B 35 17.22 12.60 0.93
N ARG B 36 18.25 12.15 0.24
CA ARG B 36 19.33 11.41 0.89
C ARG B 36 19.93 12.14 2.10
N ASP B 37 20.14 13.45 1.95
CA ASP B 37 20.71 14.25 3.03
C ASP B 37 19.83 14.21 4.28
N LEU B 38 18.51 14.35 4.06
CA LEU B 38 17.55 14.31 5.15
C LEU B 38 17.51 12.90 5.77
N VAL B 39 17.50 11.87 4.92
CA VAL B 39 17.42 10.50 5.49
C VAL B 39 18.68 10.18 6.33
N ASP B 40 19.84 10.45 5.76
CA ASP B 40 21.08 10.14 6.48
C ASP B 40 21.33 11.05 7.70
N ARG B 41 21.20 12.37 7.54
CA ARG B 41 21.60 13.30 8.60
C ARG B 41 20.56 13.51 9.69
N ILE B 42 19.28 13.30 9.37
CA ILE B 42 18.23 13.55 10.37
C ILE B 42 17.63 12.21 10.81
N VAL B 43 17.03 11.47 9.86
CA VAL B 43 16.20 10.31 10.17
C VAL B 43 17.05 9.19 10.73
N LYS B 44 18.16 8.87 10.08
CA LYS B 44 18.96 7.77 10.59
C LYS B 44 19.80 8.24 11.77
N THR B 45 20.43 9.40 11.61
CA THR B 45 21.45 9.82 12.57
C THR B 45 20.90 10.40 13.85
N LYS B 46 19.97 11.35 13.73
CA LYS B 46 19.45 12.03 14.91
C LYS B 46 18.26 11.29 15.49
N LEU B 47 17.33 10.85 14.65
CA LEU B 47 16.13 10.16 15.14
C LEU B 47 16.38 8.68 15.39
N GLY B 48 17.48 8.17 14.86
CA GLY B 48 17.87 6.79 15.12
C GLY B 48 16.98 5.76 14.45
N MET B 49 16.38 6.10 13.33
CA MET B 49 15.49 5.14 12.65
C MET B 49 16.18 4.45 11.51
N ASN B 50 16.41 3.15 11.66
CA ASN B 50 17.17 2.45 10.63
C ASN B 50 16.34 1.87 9.52
N LEU B 51 15.05 1.65 9.75
CA LEU B 51 14.19 1.20 8.68
C LEU B 51 13.03 2.19 8.48
N PRO B 52 13.32 3.43 8.05
CA PRO B 52 12.24 4.42 8.07
C PRO B 52 11.22 4.27 6.96
N LEU B 53 10.00 4.75 7.21
CA LEU B 53 8.99 4.94 6.18
C LEU B 53 8.78 6.45 6.27
N ILE B 54 8.94 7.15 5.14
CA ILE B 54 8.74 8.60 5.15
C ILE B 54 7.56 8.93 4.26
N MET B 55 6.64 9.69 4.82
CA MET B 55 5.39 10.04 4.17
C MET B 55 5.19 11.54 4.03
N HIS B 56 4.56 11.93 2.95
CA HIS B 56 4.06 13.28 2.83
C HIS B 56 2.62 13.21 2.33
N GLY B 57 1.68 13.47 3.23
CA GLY B 57 0.27 13.22 2.92
C GLY B 57 0.06 11.74 2.67
N ASN B 58 -0.66 11.42 1.59
CA ASN B 58 -0.97 10.04 1.24
C ASN B 58 0.16 9.37 0.45
N SER B 59 1.27 10.05 0.21
CA SER B 59 2.28 9.43 -0.61
C SER B 59 3.52 9.03 0.22
N LEU B 60 4.04 7.83 -0.07
CA LEU B 60 5.27 7.33 0.53
C LEU B 60 6.47 7.86 -0.28
N LEU B 61 7.36 8.60 0.37
CA LEU B 61 8.51 9.11 -0.32
C LEU B 61 9.66 8.11 -0.21
N TYR B 62 9.72 7.36 0.89
CA TYR B 62 10.83 6.46 1.08
C TYR B 62 10.44 5.32 2.00
N GLU B 63 10.91 4.15 1.64
CA GLU B 63 10.91 2.98 2.49
C GLU B 63 12.19 2.23 2.27
N VAL B 64 12.58 1.42 3.23
CA VAL B 64 13.77 0.59 3.05
C VAL B 64 13.56 -0.76 3.66
N GLY B 65 14.08 -1.77 3.00
CA GLY B 65 14.01 -3.15 3.55
C GLY B 65 14.26 -4.19 2.48
N ASP B 66 14.69 -5.40 2.88
CA ASP B 66 14.95 -6.46 1.88
C ASP B 66 13.68 -7.11 1.36
N ASP B 67 12.52 -6.72 1.91
CA ASP B 67 11.27 -7.24 1.43
C ASP B 67 10.67 -6.46 0.25
N LEU B 68 11.21 -5.28 -0.06
CA LEU B 68 10.61 -4.46 -1.12
C LEU B 68 10.97 -4.99 -2.49
N ASP B 69 10.02 -4.92 -3.43
CA ASP B 69 10.33 -5.49 -4.75
C ASP B 69 11.25 -4.54 -5.51
N ASP B 70 11.81 -5.03 -6.62
CA ASP B 70 12.89 -4.25 -7.30
C ASP B 70 12.38 -2.93 -7.92
N ILE B 71 11.13 -2.92 -8.37
CA ILE B 71 10.58 -1.67 -8.90
C ILE B 71 10.43 -0.61 -7.80
N MET B 72 9.95 -1.00 -6.62
CA MET B 72 9.80 -0.06 -5.56
C MET B 72 11.18 0.44 -5.11
N VAL B 73 12.15 -0.47 -5.02
CA VAL B 73 13.51 -0.03 -4.58
C VAL B 73 14.11 0.92 -5.60
N ALA B 74 13.97 0.57 -6.88
CA ALA B 74 14.52 1.48 -7.89
C ALA B 74 13.88 2.88 -7.82
N ASN B 75 12.58 2.95 -7.51
CA ASN B 75 11.93 4.26 -7.45
C ASN B 75 12.40 5.03 -6.21
N TYR B 76 12.47 4.33 -5.06
CA TYR B 76 12.94 4.96 -3.83
C TYR B 76 14.39 5.42 -3.96
N ASN B 77 15.22 4.62 -4.64
CA ASN B 77 16.64 5.00 -4.94
C ASN B 77 16.66 6.29 -5.76
N ALA B 78 15.75 6.41 -6.71
CA ALA B 78 15.71 7.62 -7.53
C ALA B 78 15.28 8.80 -6.68
N ASN B 79 14.30 8.58 -5.79
CA ASN B 79 13.89 9.69 -4.90
C ASN B 79 15.03 10.19 -4.02
N LEU B 80 15.86 9.28 -3.48
CA LEU B 80 16.99 9.69 -2.65
C LEU B 80 17.84 10.79 -3.32
N GLU B 81 17.96 10.72 -4.66
CA GLU B 81 18.85 11.63 -5.43
C GLU B 81 18.14 12.90 -5.92
N LYS B 82 16.88 13.05 -5.55
CA LYS B 82 16.13 14.23 -5.96
C LYS B 82 16.24 15.35 -4.92
N TYR B 83 16.28 16.62 -5.36
CA TYR B 83 16.10 17.69 -4.41
C TYR B 83 14.73 17.63 -3.75
N LEU B 84 14.64 18.03 -2.48
CA LEU B 84 13.40 17.94 -1.74
C LEU B 84 12.26 18.63 -2.46
N SER B 85 12.52 19.81 -3.03
CA SER B 85 11.46 20.58 -3.72
C SER B 85 11.10 19.94 -5.05
N GLU B 86 11.85 18.92 -5.49
CA GLU B 86 11.52 18.29 -6.76
C GLU B 86 11.08 16.82 -6.59
N LEU B 87 10.81 16.42 -5.36
CA LEU B 87 10.27 15.03 -5.17
C LEU B 87 8.88 14.96 -5.79
N PRO B 88 8.42 13.73 -6.13
CA PRO B 88 7.13 13.46 -6.77
C PRO B 88 5.99 14.07 -5.97
N SER B 89 6.12 14.07 -4.64
CA SER B 89 5.32 14.92 -3.75
C SER B 89 6.26 15.98 -3.11
N PRO B 90 6.36 17.19 -3.72
CA PRO B 90 7.41 18.17 -3.34
C PRO B 90 7.39 18.58 -1.87
N ILE B 91 8.57 18.57 -1.25
CA ILE B 91 8.74 19.04 0.10
C ILE B 91 9.16 20.52 0.02
N LEU B 92 8.30 21.39 0.51
CA LEU B 92 8.48 22.84 0.38
C LEU B 92 8.36 23.50 1.75
N ASN B 93 8.56 24.81 1.76
CA ASN B 93 8.37 25.52 3.00
C ASN B 93 7.02 25.24 3.63
N GLY B 94 7.01 24.87 4.91
CA GLY B 94 5.78 24.45 5.57
C GLY B 94 5.25 23.03 5.33
N SER B 95 5.98 22.22 4.57
CA SER B 95 5.54 20.86 4.36
C SER B 95 5.61 20.13 5.68
N ILE B 96 4.70 19.18 5.90
CA ILE B 96 4.76 18.38 7.07
C ILE B 96 5.06 16.95 6.65
N LEU B 97 6.17 16.41 7.13
CA LEU B 97 6.50 14.98 6.89
C LEU B 97 6.11 14.12 8.07
N THR B 98 5.77 12.86 7.81
CA THR B 98 5.59 11.88 8.87
C THR B 98 6.63 10.77 8.70
N VAL B 99 7.32 10.44 9.77
CA VAL B 99 8.40 9.45 9.72
C VAL B 99 8.13 8.40 10.76
N GLU B 100 8.04 7.15 10.31
CA GLU B 100 7.79 5.97 11.15
C GLU B 100 8.88 4.96 10.85
N ASP B 101 9.16 4.06 11.79
CA ASP B 101 10.18 3.05 11.59
C ASP B 101 9.51 1.68 11.52
N LEU B 102 10.07 0.80 10.71
CA LEU B 102 9.45 -0.51 10.53
C LEU B 102 9.53 -1.29 11.82
N GLN B 103 10.66 -1.23 12.52
CA GLN B 103 10.79 -2.09 13.70
C GLN B 103 10.61 -1.38 15.03
N GLN B 104 11.18 -0.21 15.19
CA GLN B 104 11.09 0.51 16.45
C GLN B 104 9.82 1.28 16.58
N GLU B 105 9.41 1.56 17.81
CA GLU B 105 8.10 2.23 17.93
C GLU B 105 8.11 3.73 17.56
N LEU B 106 9.28 4.24 17.24
CA LEU B 106 9.50 5.67 16.98
C LEU B 106 8.60 6.20 15.87
N SER B 107 7.98 7.35 16.12
CA SER B 107 7.19 8.00 15.09
C SER B 107 7.24 9.52 15.28
N CYS B 108 7.47 10.25 14.19
CA CYS B 108 7.72 11.69 14.26
C CYS B 108 7.00 12.46 13.16
N LYS B 109 6.52 13.67 13.50
CA LYS B 109 6.14 14.63 12.50
C LYS B 109 7.19 15.71 12.45
N ILE B 110 7.57 16.08 11.23
CA ILE B 110 8.58 17.07 10.98
C ILE B 110 8.04 18.22 10.13
N ASN B 111 8.13 19.44 10.68
CA ASN B 111 7.74 20.64 9.97
C ASN B 111 8.93 21.24 9.26
N VAL B 112 8.82 21.37 7.95
CA VAL B 112 9.94 21.80 7.13
C VAL B 112 9.85 23.32 6.96
N LYS B 113 10.92 24.02 7.30
CA LYS B 113 10.97 25.47 7.06
C LYS B 113 12.11 25.75 6.10
N HIS B 114 11.79 26.32 4.96
CA HIS B 114 12.83 26.63 4.01
C HIS B 114 13.77 27.76 4.50
N ARG B 115 15.08 27.53 4.37
CA ARG B 115 16.12 28.48 4.72
C ARG B 115 17.19 28.47 3.62
N GLU B 116 17.57 29.65 3.14
CA GLU B 116 18.48 29.76 2.01
C GLU B 116 19.90 29.38 2.33
N GLU B 117 20.40 29.88 3.45
CA GLU B 117 21.84 29.84 3.74
C GLU B 117 22.08 29.43 5.17
N PHE B 118 23.17 28.71 5.36
CA PHE B 118 23.60 28.20 6.65
C PHE B 118 25.06 28.53 6.94
N ASP B 119 25.35 28.74 8.22
CA ASP B 119 26.72 29.02 8.65
C ASP B 119 27.64 27.84 8.41
N GLU B 120 28.65 28.09 7.60
CA GLU B 120 29.61 27.09 7.16
C GLU B 120 30.34 26.30 8.29
N GLU B 121 30.63 26.88 9.47
CA GLU B 121 31.19 26.08 10.60
C GLU B 121 30.27 25.82 11.80
N LYS B 122 29.25 26.64 12.01
CA LYS B 122 28.28 26.37 13.08
C LYS B 122 27.11 25.46 12.61
N GLU B 123 26.76 25.50 11.33
CA GLU B 123 25.71 24.65 10.78
C GLU B 123 26.25 23.84 9.59
N PRO B 124 27.32 23.04 9.82
CA PRO B 124 28.10 22.42 8.75
C PRO B 124 27.36 21.34 7.98
N GLU B 125 26.30 20.81 8.59
CA GLU B 125 25.47 19.84 7.87
C GLU B 125 24.44 20.49 6.93
N GLY B 126 24.37 21.81 6.90
CA GLY B 126 23.49 22.48 5.95
C GLY B 126 22.01 22.40 6.28
N MET B 127 21.71 22.15 7.55
CA MET B 127 20.35 22.09 8.03
C MET B 127 20.37 22.11 9.55
N VAL B 128 19.21 22.38 10.16
CA VAL B 128 19.12 22.51 11.60
C VAL B 128 17.81 21.90 12.12
N LEU B 129 17.92 20.95 13.05
CA LEU B 129 16.75 20.31 13.61
C LEU B 129 16.40 20.90 14.98
N SER B 130 15.23 21.51 15.11
CA SER B 130 14.78 22.06 16.40
C SER B 130 13.72 21.21 17.06
N GLY B 131 13.72 21.18 18.38
CA GLY B 131 12.66 20.52 19.12
C GLY B 131 13.02 19.10 19.49
N TRP B 132 14.27 18.72 19.23
CA TRP B 132 14.65 17.35 19.46
C TRP B 132 15.68 17.22 20.59
N THR B 133 15.47 16.19 21.41
CA THR B 133 16.22 15.93 22.63
C THR B 133 17.56 15.25 22.39
C1 GOL C . 6.53 -5.01 0.31
O1 GOL C . 5.98 -4.16 -0.65
C2 GOL C . 5.78 -6.34 0.50
O2 GOL C . 5.94 -6.80 1.83
C3 GOL C . 4.51 -6.64 -0.35
O3 GOL C . 3.74 -7.87 -0.25
#